data_4Z0K
#
_entry.id   4Z0K
#
_cell.length_a   98.946
_cell.length_b   98.946
_cell.length_c   94.693
_cell.angle_alpha   90.00
_cell.angle_beta   90.00
_cell.angle_gamma   120.00
#
_symmetry.space_group_name_H-M   'H 3'
#
loop_
_entity.id
_entity.type
_entity.pdbx_description
1 polymer 'Coagulation factor IX'
2 polymer 'Coagulation factor IX'
3 non-polymer N-[(2R)-10-hydroxy-2,7-dimethyl-1,2,3,4-tetrahydropyrido[1,2-b]indazol-2-yl]-4-(4H-1,2,4-triazol-4-yl)benzamide
4 non-polymer 'SODIUM ION'
5 non-polymer '2-[N-CYCLOHEXYLAMINO]ETHANE SULFONIC ACID'
6 non-polymer 'CHLORIDE ION'
7 water water
#
loop_
_entity_poly.entity_id
_entity_poly.type
_entity_poly.pdbx_seq_one_letter_code
_entity_poly.pdbx_strand_id
1 'polypeptide(L)'
;VVGGEDAKPGQFPWQVVLNGKVDAFCGGSIVNEKWIVTAAHCVETGVKITVVAGEHNIEETEHTEQKRNVIRIIPHHNYN
AAINKYNHDIALLELDEPLVLNSYVTPICIADKEYTNIFLKFGSGYVSGWGRVFHKGASALVLQYLRVPLVDRATCLRST
KFTIYNNMFCAGFHEGGRDSCQGDSGGPHVTEVEGTSFLTGIISWGEECAMKGKYGIYTKVSRYVNWIKEKTKLT
;
A
2 'polypeptide(L)' MDVTCNIKNGRCEQFCKNSADNKVVCSCTEGYRLAENQKSCEPAVPFPCGRVSVSQTSKLTR B
#
# COMPACT_ATOMS: atom_id res chain seq x y z
N VAL A 1 13.46 -4.79 0.83
CA VAL A 1 13.52 -4.20 -0.52
C VAL A 1 14.94 -4.28 -1.00
N VAL A 2 15.13 -4.89 -2.16
CA VAL A 2 16.42 -5.00 -2.82
C VAL A 2 16.47 -3.91 -3.89
N GLY A 3 17.59 -3.21 -3.95
CA GLY A 3 17.76 -2.20 -4.99
C GLY A 3 17.03 -0.91 -4.78
N GLY A 4 16.59 -0.67 -3.56
CA GLY A 4 15.89 0.54 -3.20
C GLY A 4 16.80 1.60 -2.61
N GLU A 5 16.18 2.65 -2.04
CA GLU A 5 16.87 3.78 -1.43
C GLU A 5 16.28 4.03 -0.06
N ASP A 6 17.05 4.72 0.81
CA ASP A 6 16.55 5.08 2.11
C ASP A 6 15.46 6.12 1.95
N ALA A 7 14.31 5.87 2.56
CA ALA A 7 13.29 6.90 2.65
C ALA A 7 13.77 8.02 3.54
N LYS A 8 13.32 9.24 3.22
CA LYS A 8 13.55 10.34 4.13
C LYS A 8 12.47 10.30 5.20
N PRO A 9 12.71 10.92 6.36
CA PRO A 9 11.62 10.98 7.37
C PRO A 9 10.33 11.57 6.79
N GLY A 10 9.21 10.93 7.10
CA GLY A 10 7.91 11.37 6.62
C GLY A 10 7.65 11.17 5.14
N GLN A 11 8.54 10.45 4.40
CA GLN A 11 8.30 10.30 2.97
C GLN A 11 7.16 9.31 2.68
N PHE A 12 6.94 8.31 3.54
CA PHE A 12 5.88 7.31 3.37
C PHE A 12 5.13 7.21 4.70
N PRO A 13 4.40 8.28 5.06
CA PRO A 13 3.88 8.37 6.43
C PRO A 13 2.74 7.41 6.76
N TRP A 14 2.28 6.67 5.76
CA TRP A 14 1.30 5.61 5.90
C TRP A 14 1.93 4.29 6.22
N GLN A 15 3.26 4.16 6.12
CA GLN A 15 3.89 2.88 6.39
C GLN A 15 3.90 2.54 7.84
N VAL A 16 3.62 1.29 8.19
CA VAL A 16 3.85 0.81 9.53
C VAL A 16 4.72 -0.43 9.48
N VAL A 17 5.30 -0.78 10.63
CA VAL A 17 6.03 -2.00 10.79
C VAL A 17 5.30 -2.80 11.88
N LEU A 18 5.25 -4.13 11.71
CA LEU A 18 4.63 -4.98 12.71
C LEU A 18 5.69 -5.69 13.54
N ASN A 19 5.44 -5.80 14.84
CA ASN A 19 6.29 -6.51 15.80
C ASN A 19 5.47 -7.57 16.50
N GLY A 20 6.06 -8.72 16.73
CA GLY A 20 5.39 -9.82 17.42
C GLY A 20 6.43 -10.60 18.18
N LYS A 21 6.47 -11.92 17.97
CA LYS A 21 7.51 -12.77 18.55
C LYS A 21 8.86 -12.27 18.02
N VAL A 22 8.88 -11.90 16.73
CA VAL A 22 10.05 -11.33 16.04
C VAL A 22 9.67 -9.85 15.75
N ASP A 23 10.55 -8.88 16.03
CA ASP A 23 10.22 -7.48 15.71
C ASP A 23 10.46 -7.22 14.22
N ALA A 24 9.72 -6.27 13.65
CA ALA A 24 9.88 -5.85 12.26
C ALA A 24 9.79 -6.97 11.23
N PHE A 25 8.79 -7.84 11.39
CA PHE A 25 8.65 -9.04 10.59
C PHE A 25 7.80 -8.87 9.33
N CYS A 26 6.98 -7.82 9.29
CA CYS A 26 6.10 -7.53 8.14
C CYS A 26 5.83 -6.06 8.19
N GLY A 27 5.29 -5.55 7.10
CA GLY A 27 4.81 -4.20 7.01
C GLY A 27 3.30 -4.14 7.03
N GLY A 28 2.82 -2.93 6.94
CA GLY A 28 1.40 -2.61 6.87
C GLY A 28 1.22 -1.18 6.44
N SER A 29 -0.05 -0.75 6.28
CA SER A 29 -0.37 0.61 5.89
C SER A 29 -1.51 1.12 6.76
N ILE A 30 -1.46 2.41 7.10
CA ILE A 30 -2.50 3.04 7.87
C ILE A 30 -3.72 3.28 7.01
N VAL A 31 -4.87 2.72 7.40
CA VAL A 31 -6.13 3.02 6.73
C VAL A 31 -6.75 4.26 7.40
N ASN A 32 -6.79 4.25 8.71
CA ASN A 32 -7.25 5.38 9.51
C ASN A 32 -6.61 5.29 10.88
N GLU A 33 -6.97 6.18 11.79
CA GLU A 33 -6.32 6.21 13.08
C GLU A 33 -6.49 4.92 13.90
N LYS A 34 -7.46 4.06 13.56
CA LYS A 34 -7.67 2.82 14.32
C LYS A 34 -7.44 1.54 13.53
N TRP A 35 -7.08 1.62 12.24
CA TRP A 35 -7.00 0.44 11.40
C TRP A 35 -5.79 0.43 10.50
N ILE A 36 -5.15 -0.75 10.46
CA ILE A 36 -4.02 -1.06 9.59
C ILE A 36 -4.43 -2.16 8.60
N VAL A 37 -3.92 -2.09 7.36
CA VAL A 37 -4.12 -3.15 6.38
C VAL A 37 -2.76 -3.80 6.13
N THR A 38 -2.74 -5.12 6.11
CA THR A 38 -1.52 -5.90 5.92
C THR A 38 -1.85 -7.18 5.17
N ALA A 39 -0.90 -8.11 5.11
CA ALA A 39 -1.10 -9.41 4.47
C ALA A 39 -1.61 -10.36 5.53
N ALA A 40 -2.52 -11.27 5.15
CA ALA A 40 -3.04 -12.25 6.07
C ALA A 40 -1.99 -13.26 6.47
N HIS A 41 -1.02 -13.56 5.60
CA HIS A 41 -0.01 -14.55 5.99
C HIS A 41 0.92 -14.05 7.08
N CYS A 42 0.90 -12.74 7.34
CA CYS A 42 1.72 -12.15 8.40
C CYS A 42 1.13 -12.35 9.78
N VAL A 43 -0.19 -12.54 9.88
CA VAL A 43 -0.87 -12.44 11.13
C VAL A 43 -1.74 -13.63 11.37
N GLU A 44 -2.17 -13.79 12.60
CA GLU A 44 -3.04 -14.90 12.93
C GLU A 44 -3.72 -14.58 14.24
N THR A 45 -5.02 -14.90 14.36
CA THR A 45 -5.75 -14.61 15.60
C THR A 45 -5.04 -15.35 16.75
N GLY A 46 -4.90 -14.65 17.88
CA GLY A 46 -4.26 -15.21 19.07
C GLY A 46 -2.83 -14.76 19.26
N VAL A 47 -2.04 -14.63 18.15
CA VAL A 47 -0.65 -14.20 18.25
C VAL A 47 -0.65 -12.68 18.40
N LYS A 48 -0.08 -12.19 19.51
CA LYS A 48 -0.06 -10.79 19.89
C LYS A 48 0.86 -9.97 18.98
N ILE A 49 0.30 -8.89 18.42
CA ILE A 49 1.01 -7.99 17.52
C ILE A 49 1.00 -6.58 18.05
N THR A 50 2.08 -5.83 17.81
CA THR A 50 2.06 -4.39 18.01
C THR A 50 2.40 -3.76 16.65
N VAL A 51 1.93 -2.55 16.45
CA VAL A 51 2.16 -1.77 15.25
C VAL A 51 2.99 -0.57 15.62
N VAL A 52 3.95 -0.19 14.77
CA VAL A 52 4.68 1.05 14.98
C VAL A 52 4.50 1.93 13.75
N ALA A 53 3.85 3.07 13.95
CA ALA A 53 3.71 4.10 12.91
C ALA A 53 4.76 5.16 13.13
N GLY A 54 5.02 5.97 12.13
CA GLY A 54 5.99 7.05 12.25
C GLY A 54 7.41 6.58 12.40
N GLU A 55 7.70 5.35 11.94
CA GLU A 55 9.02 4.75 12.05
C GLU A 55 9.85 5.07 10.82
N HIS A 56 11.15 5.12 11.02
CA HIS A 56 12.10 5.47 9.97
C HIS A 56 13.31 4.57 10.12
N ASN A 57 14.09 4.79 11.17
CA ASN A 57 15.25 3.94 11.48
C ASN A 57 14.86 3.10 12.70
N ILE A 58 14.69 1.77 12.54
CA ILE A 58 14.25 0.93 13.66
C ILE A 58 15.27 0.87 14.80
N GLU A 59 16.49 1.33 14.61
CA GLU A 59 17.47 1.27 15.71
C GLU A 59 17.73 2.60 16.38
N GLU A 60 16.99 3.66 16.02
CA GLU A 60 17.18 4.97 16.65
C GLU A 60 15.83 5.57 17.01
N THR A 61 15.69 6.15 18.20
CA THR A 61 14.47 6.82 18.59
C THR A 61 14.49 8.19 17.93
N GLU A 62 13.52 8.46 17.06
CA GLU A 62 13.46 9.68 16.27
C GLU A 62 12.32 10.63 16.67
N HIS A 63 11.57 10.29 17.72
CA HIS A 63 10.56 11.16 18.32
C HIS A 63 9.33 11.36 17.47
N THR A 64 9.10 10.42 16.53
CA THR A 64 7.92 10.41 15.70
C THR A 64 7.15 9.07 15.74
N GLU A 65 7.70 8.07 16.41
CA GLU A 65 7.12 6.73 16.45
C GLU A 65 5.96 6.65 17.38
N GLN A 66 4.91 5.95 16.95
CA GLN A 66 3.75 5.69 17.76
C GLN A 66 3.49 4.19 17.75
N LYS A 67 3.55 3.58 18.91
CA LYS A 67 3.35 2.13 19.10
C LYS A 67 1.94 1.90 19.55
N ARG A 68 1.26 0.89 18.97
CA ARG A 68 -0.11 0.56 19.39
C ARG A 68 -0.28 -0.94 19.41
N ASN A 69 -1.15 -1.39 20.29
CA ASN A 69 -1.43 -2.80 20.40
C ASN A 69 -2.56 -3.13 19.45
N VAL A 70 -2.52 -4.33 18.87
CA VAL A 70 -3.60 -4.82 18.01
C VAL A 70 -4.62 -5.58 18.86
N ILE A 71 -5.88 -5.15 18.83
CA ILE A 71 -6.97 -5.79 19.62
C ILE A 71 -7.86 -6.73 18.79
N ARG A 72 -7.83 -6.64 17.48
CA ARG A 72 -8.61 -7.53 16.61
C ARG A 72 -7.86 -7.71 15.31
N ILE A 73 -7.83 -8.94 14.80
CA ILE A 73 -7.24 -9.31 13.51
C ILE A 73 -8.36 -9.85 12.67
N ILE A 74 -8.55 -9.26 11.49
CA ILE A 74 -9.58 -9.68 10.55
C ILE A 74 -8.94 -10.12 9.25
N PRO A 75 -8.58 -11.41 9.11
CA PRO A 75 -8.17 -11.90 7.80
C PRO A 75 -9.35 -11.86 6.85
N HIS A 76 -9.10 -11.73 5.55
CA HIS A 76 -10.21 -11.72 4.61
C HIS A 76 -10.99 -13.02 4.78
N HIS A 77 -12.32 -12.97 4.71
CA HIS A 77 -13.11 -14.20 4.94
C HIS A 77 -12.77 -15.36 3.98
N ASN A 78 -12.19 -15.07 2.79
CA ASN A 78 -11.81 -16.12 1.86
C ASN A 78 -10.37 -16.60 2.05
N TYR A 79 -9.61 -15.99 2.98
CA TYR A 79 -8.28 -16.47 3.23
C TYR A 79 -8.31 -17.86 3.89
N ASN A 80 -7.47 -18.81 3.42
CA ASN A 80 -7.37 -20.15 3.99
C ASN A 80 -5.94 -20.63 3.74
N ALA A 81 -5.08 -20.52 4.76
CA ALA A 81 -3.67 -20.92 4.60
C ALA A 81 -3.44 -22.38 4.31
N ALA A 82 -4.39 -23.26 4.65
CA ALA A 82 -4.25 -24.70 4.34
C ALA A 82 -4.33 -24.96 2.83
N ILE A 83 -5.03 -24.11 2.08
CA ILE A 83 -5.15 -24.24 0.63
C ILE A 83 -4.03 -23.49 -0.01
N ASN A 84 -3.94 -22.18 0.32
CA ASN A 84 -2.91 -21.35 -0.26
C ASN A 84 -2.62 -20.22 0.70
N LYS A 85 -1.40 -20.21 1.27
CA LYS A 85 -0.95 -19.16 2.18
C LYS A 85 -0.99 -17.77 1.54
N TYR A 86 -0.96 -17.68 0.19
CA TYR A 86 -0.85 -16.40 -0.53
C TYR A 86 -2.07 -15.97 -1.40
N ASN A 87 -3.24 -16.63 -1.29
CA ASN A 87 -4.42 -16.19 -2.03
C ASN A 87 -5.33 -15.47 -1.07
N HIS A 88 -5.97 -14.37 -1.50
CA HIS A 88 -6.80 -13.52 -0.66
C HIS A 88 -5.92 -13.08 0.52
N ASP A 89 -4.68 -12.71 0.22
CA ASP A 89 -3.68 -12.48 1.25
C ASP A 89 -3.75 -11.05 1.78
N ILE A 90 -4.79 -10.80 2.57
CA ILE A 90 -5.05 -9.46 3.10
C ILE A 90 -5.76 -9.58 4.43
N ALA A 91 -5.42 -8.65 5.35
CA ALA A 91 -6.00 -8.66 6.68
C ALA A 91 -6.02 -7.26 7.23
N LEU A 92 -6.93 -7.03 8.16
CA LEU A 92 -7.08 -5.75 8.84
C LEU A 92 -6.75 -5.94 10.33
N LEU A 93 -6.10 -4.96 10.90
CA LEU A 93 -5.71 -4.95 12.32
C LEU A 93 -6.37 -3.74 12.94
N GLU A 94 -7.13 -3.96 14.01
CA GLU A 94 -7.74 -2.90 14.79
C GLU A 94 -6.80 -2.54 15.93
N LEU A 95 -6.53 -1.25 16.13
CA LEU A 95 -5.65 -0.75 17.18
C LEU A 95 -6.43 -0.48 18.46
N ASP A 96 -5.76 -0.66 19.59
CA ASP A 96 -6.39 -0.47 20.89
C ASP A 96 -6.74 0.98 21.19
N GLU A 97 -5.80 1.87 20.89
CA GLU A 97 -5.95 3.32 21.09
C GLU A 97 -5.63 3.96 19.72
N PRO A 98 -6.41 4.94 19.28
CA PRO A 98 -6.13 5.55 17.98
C PRO A 98 -4.75 6.19 17.89
N LEU A 99 -4.20 6.13 16.69
CA LEU A 99 -2.98 6.86 16.34
C LEU A 99 -3.33 8.35 16.38
N VAL A 100 -2.33 9.18 16.61
CA VAL A 100 -2.45 10.64 16.54
C VAL A 100 -1.92 10.99 15.16
N LEU A 101 -2.81 11.38 14.24
CA LEU A 101 -2.36 11.69 12.90
C LEU A 101 -1.54 12.97 12.88
N ASN A 102 -0.46 12.95 12.10
CA ASN A 102 0.43 14.09 11.95
C ASN A 102 1.27 13.90 10.70
N SER A 103 2.23 14.78 10.47
CA SER A 103 3.01 14.67 9.24
C SER A 103 3.80 13.39 9.07
N TYR A 104 4.06 12.67 10.16
CA TYR A 104 4.77 11.42 10.13
C TYR A 104 3.89 10.19 10.17
N VAL A 105 2.60 10.38 10.49
CA VAL A 105 1.62 9.32 10.71
C VAL A 105 0.35 9.75 10.00
N THR A 106 0.24 9.33 8.73
CA THR A 106 -0.82 9.82 7.85
C THR A 106 -1.41 8.61 7.10
N PRO A 107 -2.73 8.50 6.96
CA PRO A 107 -3.28 7.35 6.24
C PRO A 107 -2.91 7.37 4.75
N ILE A 108 -3.01 6.20 4.12
CA ILE A 108 -2.93 6.09 2.69
C ILE A 108 -4.34 6.26 2.16
N CYS A 109 -4.47 6.91 0.99
CA CYS A 109 -5.83 7.01 0.41
C CYS A 109 -6.25 5.69 -0.20
N ILE A 110 -7.57 5.42 -0.18
CA ILE A 110 -8.07 4.22 -0.81
C ILE A 110 -9.25 4.66 -1.67
N ALA A 111 -9.10 4.52 -2.98
CA ALA A 111 -10.14 4.87 -3.92
C ALA A 111 -11.17 3.77 -4.02
N ASP A 112 -12.24 3.98 -4.76
CA ASP A 112 -13.21 2.94 -4.98
C ASP A 112 -12.61 1.82 -5.85
N LYS A 113 -13.38 0.75 -6.05
CA LYS A 113 -12.83 -0.40 -6.81
C LYS A 113 -12.38 -0.01 -8.22
N GLU A 114 -13.21 0.77 -8.92
CA GLU A 114 -12.91 1.17 -10.28
C GLU A 114 -11.64 1.97 -10.38
N TYR A 115 -11.50 2.98 -9.54
CA TYR A 115 -10.32 3.82 -9.60
C TYR A 115 -9.09 3.16 -9.04
N THR A 116 -9.23 2.29 -8.03
CA THR A 116 -8.02 1.60 -7.58
C THR A 116 -7.43 0.80 -8.74
N ASN A 117 -8.31 0.13 -9.52
CA ASN A 117 -7.84 -0.61 -10.70
C ASN A 117 -7.29 0.32 -11.77
N ILE A 118 -7.96 1.46 -12.03
CA ILE A 118 -7.38 2.41 -13.01
C ILE A 118 -5.97 2.80 -12.57
N PHE A 119 -5.81 3.13 -11.27
CA PHE A 119 -4.50 3.55 -10.79
C PHE A 119 -3.47 2.47 -10.90
N LEU A 120 -3.84 1.20 -10.66
CA LEU A 120 -2.87 0.13 -10.89
C LEU A 120 -2.49 0.07 -12.37
N LYS A 121 -3.43 0.33 -13.24
CA LYS A 121 -3.18 0.29 -14.69
C LYS A 121 -2.26 1.40 -15.17
N PHE A 122 -2.07 2.46 -14.40
CA PHE A 122 -1.09 3.47 -14.74
C PHE A 122 0.27 2.82 -14.95
N GLY A 123 0.55 1.74 -14.22
CA GLY A 123 1.73 0.89 -14.45
C GLY A 123 2.97 1.19 -13.66
N SER A 124 2.92 2.05 -12.65
CA SER A 124 4.12 2.34 -11.88
C SER A 124 3.72 2.69 -10.47
N GLY A 125 4.24 1.95 -9.51
CA GLY A 125 3.95 2.17 -8.11
C GLY A 125 5.17 2.14 -7.26
N TYR A 126 5.01 2.52 -6.01
CA TYR A 126 6.09 2.53 -5.02
C TYR A 126 5.80 1.51 -3.97
N VAL A 127 6.83 0.73 -3.61
CA VAL A 127 6.79 -0.24 -2.54
C VAL A 127 7.78 0.20 -1.48
N SER A 128 7.54 -0.16 -0.23
CA SER A 128 8.43 0.27 0.84
C SER A 128 8.40 -0.74 1.95
N GLY A 129 9.50 -0.81 2.71
CA GLY A 129 9.54 -1.73 3.83
C GLY A 129 10.93 -1.87 4.44
N TRP A 130 10.98 -2.62 5.53
CA TRP A 130 12.19 -2.93 6.28
C TRP A 130 12.65 -4.38 6.05
N GLY A 131 12.23 -4.98 4.96
CA GLY A 131 12.65 -6.34 4.64
C GLY A 131 14.08 -6.45 4.16
N ARG A 132 14.43 -7.66 3.77
CA ARG A 132 15.80 -7.97 3.36
C ARG A 132 16.22 -7.05 2.22
N VAL A 133 17.49 -6.63 2.25
CA VAL A 133 18.05 -5.78 1.21
C VAL A 133 18.85 -6.58 0.19
N PHE A 134 19.04 -7.90 0.45
CA PHE A 134 19.57 -8.84 -0.53
C PHE A 134 18.83 -10.12 -0.29
N HIS A 135 18.66 -10.95 -1.33
CA HIS A 135 18.04 -12.24 -1.11
C HIS A 135 18.86 -13.03 -0.07
N LYS A 136 18.18 -13.54 0.96
CA LYS A 136 18.78 -14.22 2.10
C LYS A 136 19.83 -13.38 2.85
N GLY A 137 19.73 -12.08 2.71
CA GLY A 137 20.65 -11.15 3.35
C GLY A 137 20.03 -10.40 4.51
N ALA A 138 20.72 -9.40 5.01
CA ALA A 138 20.24 -8.67 6.15
C ALA A 138 19.05 -7.82 5.83
N SER A 139 18.32 -7.46 6.88
N SER A 139 18.22 -7.53 6.84
CA SER A 139 17.17 -6.59 6.78
CA SER A 139 17.09 -6.66 6.66
C SER A 139 17.59 -5.15 6.87
C SER A 139 17.53 -5.20 6.89
N ALA A 140 16.70 -4.26 6.47
CA ALA A 140 17.03 -2.83 6.54
C ALA A 140 16.82 -2.27 7.93
N LEU A 141 17.61 -1.26 8.26
CA LEU A 141 17.40 -0.47 9.49
C LEU A 141 16.55 0.74 9.14
N VAL A 142 16.90 1.42 8.06
CA VAL A 142 16.17 2.56 7.54
C VAL A 142 15.18 2.09 6.50
N LEU A 143 13.94 2.58 6.63
CA LEU A 143 12.89 2.26 5.66
C LEU A 143 13.40 2.41 4.24
N GLN A 144 13.17 1.37 3.39
CA GLN A 144 13.57 1.42 2.00
C GLN A 144 12.35 1.65 1.11
N TYR A 145 12.58 2.29 -0.06
CA TYR A 145 11.52 2.42 -1.04
C TYR A 145 12.06 2.20 -2.41
N LEU A 146 11.11 1.88 -3.31
CA LEU A 146 11.44 1.51 -4.68
C LEU A 146 10.24 1.69 -5.57
N ARG A 147 10.49 2.24 -6.76
CA ARG A 147 9.48 2.31 -7.82
C ARG A 147 9.55 1.01 -8.60
N VAL A 148 8.40 0.35 -8.80
CA VAL A 148 8.32 -0.87 -9.56
C VAL A 148 7.28 -0.73 -10.67
N PRO A 149 7.61 -1.18 -11.89
CA PRO A 149 6.63 -1.12 -12.99
C PRO A 149 5.78 -2.37 -12.95
N LEU A 150 4.54 -2.23 -13.39
CA LEU A 150 3.62 -3.35 -13.53
C LEU A 150 4.12 -4.23 -14.68
N VAL A 151 4.09 -5.54 -14.46
CA VAL A 151 4.53 -6.53 -15.44
C VAL A 151 3.29 -7.16 -16.05
N ASP A 152 3.22 -7.26 -17.37
CA ASP A 152 2.01 -7.81 -17.99
C ASP A 152 1.81 -9.26 -17.60
N ARG A 153 0.53 -9.64 -17.46
CA ARG A 153 0.11 -10.96 -17.01
C ARG A 153 0.81 -12.15 -17.69
N ALA A 154 0.94 -12.13 -19.01
CA ALA A 154 1.59 -13.22 -19.73
C ALA A 154 3.03 -13.45 -19.30
N THR A 155 3.81 -12.35 -19.14
CA THR A 155 5.21 -12.43 -18.71
C THR A 155 5.30 -13.01 -17.33
N CYS A 156 4.45 -12.54 -16.40
CA CYS A 156 4.53 -13.07 -15.07
C CYS A 156 4.14 -14.55 -15.00
N LEU A 157 3.14 -14.98 -15.78
CA LEU A 157 2.75 -16.40 -15.79
C LEU A 157 3.89 -17.27 -16.34
N ARG A 158 4.58 -16.79 -17.37
CA ARG A 158 5.73 -17.51 -17.94
C ARG A 158 6.96 -17.58 -17.03
N SER A 159 7.01 -16.73 -15.99
CA SER A 159 8.14 -16.67 -15.06
C SER A 159 8.07 -17.58 -13.83
N THR A 160 6.90 -18.19 -13.52
CA THR A 160 6.73 -19.01 -12.31
C THR A 160 5.98 -20.32 -12.55
N LYS A 161 6.23 -21.31 -11.69
CA LYS A 161 5.53 -22.60 -11.70
C LYS A 161 4.17 -22.45 -11.02
N PHE A 162 4.07 -21.54 -10.02
CA PHE A 162 2.84 -21.30 -9.29
C PHE A 162 1.80 -20.57 -10.15
N THR A 163 0.51 -20.81 -9.89
CA THR A 163 -0.55 -20.15 -10.63
C THR A 163 -0.72 -18.77 -10.02
N ILE A 164 -0.80 -17.74 -10.85
CA ILE A 164 -1.02 -16.39 -10.38
C ILE A 164 -2.45 -16.12 -10.77
N TYR A 165 -3.34 -15.96 -9.79
CA TYR A 165 -4.72 -15.65 -10.10
C TYR A 165 -4.90 -14.15 -10.36
N ASN A 166 -6.04 -13.78 -10.98
CA ASN A 166 -6.39 -12.43 -11.43
C ASN A 166 -6.47 -11.41 -10.32
N ASN A 167 -6.54 -11.86 -9.05
CA ASN A 167 -6.59 -10.94 -7.90
C ASN A 167 -5.18 -10.61 -7.42
N MET A 168 -4.16 -11.03 -8.17
CA MET A 168 -2.75 -10.70 -7.90
C MET A 168 -2.23 -9.98 -9.11
N PHE A 169 -1.11 -9.28 -8.91
CA PHE A 169 -0.39 -8.70 -10.04
C PHE A 169 1.07 -8.87 -9.77
N CYS A 170 1.87 -8.64 -10.80
CA CYS A 170 3.32 -8.73 -10.69
C CYS A 170 3.92 -7.40 -11.01
N ALA A 171 5.06 -7.14 -10.39
CA ALA A 171 5.78 -5.90 -10.65
C ALA A 171 7.26 -6.15 -10.43
N GLY A 172 8.07 -5.42 -11.16
CA GLY A 172 9.51 -5.58 -11.09
C GLY A 172 10.15 -5.33 -12.44
N PHE A 173 11.40 -5.74 -12.58
CA PHE A 173 12.20 -5.41 -13.74
C PHE A 173 12.69 -6.62 -14.46
N HIS A 174 12.78 -6.53 -15.80
CA HIS A 174 13.25 -7.66 -16.59
C HIS A 174 14.65 -8.12 -16.16
N GLU A 175 15.52 -7.18 -15.76
CA GLU A 175 16.88 -7.54 -15.33
C GLU A 175 17.02 -7.93 -13.86
N GLY A 176 15.91 -8.00 -13.12
CA GLY A 176 15.96 -8.25 -11.68
C GLY A 176 16.61 -7.05 -11.01
N GLY A 177 17.23 -7.29 -9.85
CA GLY A 177 18.00 -6.28 -9.11
C GLY A 177 17.22 -5.31 -8.25
N ARG A 178 15.91 -5.18 -8.46
CA ARG A 178 15.03 -4.25 -7.79
C ARG A 178 13.73 -4.95 -7.48
N ASP A 179 13.44 -5.18 -6.21
CA ASP A 179 12.26 -5.95 -5.84
C ASP A 179 11.92 -5.81 -4.40
N SER A 180 10.70 -6.21 -4.03
N SER A 180 10.71 -6.28 -4.04
CA SER A 180 10.36 -6.34 -2.62
CA SER A 180 10.34 -6.42 -2.64
C SER A 180 11.04 -7.67 -2.18
C SER A 180 11.07 -7.70 -2.18
N CYS A 181 11.09 -7.96 -0.87
CA CYS A 181 11.74 -9.17 -0.36
C CYS A 181 11.09 -9.61 0.94
N GLN A 182 11.56 -10.71 1.47
CA GLN A 182 11.07 -11.22 2.74
C GLN A 182 11.18 -10.16 3.84
N GLY A 183 10.11 -9.98 4.60
CA GLY A 183 10.04 -8.94 5.63
C GLY A 183 9.28 -7.71 5.15
N ASP A 184 9.12 -7.54 3.82
CA ASP A 184 8.33 -6.46 3.27
C ASP A 184 6.86 -6.83 3.16
N SER A 185 6.55 -8.14 3.24
CA SER A 185 5.15 -8.58 3.12
C SER A 185 4.21 -7.78 3.97
N GLY A 186 3.04 -7.48 3.41
CA GLY A 186 2.02 -6.74 4.13
C GLY A 186 2.12 -5.26 3.95
N GLY A 187 3.26 -4.77 3.48
CA GLY A 187 3.43 -3.38 3.22
C GLY A 187 2.72 -2.91 1.97
N PRO A 188 2.82 -1.62 1.74
CA PRO A 188 2.09 -1.00 0.63
C PRO A 188 2.75 -1.05 -0.71
N HIS A 189 1.90 -1.15 -1.75
CA HIS A 189 2.22 -0.78 -3.10
C HIS A 189 1.27 0.39 -3.39
N VAL A 190 1.85 1.58 -3.63
CA VAL A 190 1.03 2.78 -3.82
C VAL A 190 1.30 3.41 -5.16
N THR A 191 0.26 4.08 -5.68
CA THR A 191 0.35 4.80 -6.93
C THR A 191 0.12 6.28 -6.62
N GLU A 192 1.02 7.15 -7.09
CA GLU A 192 0.94 8.59 -6.91
C GLU A 192 0.08 9.19 -7.99
N VAL A 193 -0.96 9.90 -7.59
CA VAL A 193 -1.91 10.52 -8.51
C VAL A 193 -1.88 11.99 -8.22
N GLU A 194 -1.16 12.72 -9.05
CA GLU A 194 -1.03 14.17 -8.88
C GLU A 194 -0.67 14.58 -7.43
N GLY A 195 0.31 13.89 -6.84
CA GLY A 195 0.79 14.23 -5.51
C GLY A 195 0.05 13.61 -4.33
N THR A 196 -0.93 12.75 -4.61
CA THR A 196 -1.66 12.05 -3.57
C THR A 196 -1.48 10.57 -3.84
N SER A 197 -1.03 9.84 -2.85
CA SER A 197 -0.80 8.42 -2.99
C SER A 197 -2.01 7.61 -2.62
N PHE A 198 -2.31 6.61 -3.44
CA PHE A 198 -3.43 5.67 -3.28
C PHE A 198 -2.90 4.26 -3.17
N LEU A 199 -3.53 3.47 -2.34
CA LEU A 199 -3.10 2.08 -2.14
C LEU A 199 -3.62 1.25 -3.30
N THR A 200 -2.68 0.63 -4.03
CA THR A 200 -3.02 -0.21 -5.18
C THR A 200 -2.65 -1.68 -4.97
N GLY A 201 -1.76 -2.01 -4.03
CA GLY A 201 -1.46 -3.40 -3.77
C GLY A 201 -0.96 -3.62 -2.38
N ILE A 202 -0.98 -4.89 -2.00
CA ILE A 202 -0.36 -5.35 -0.76
C ILE A 202 0.83 -6.22 -1.16
N ILE A 203 2.01 -5.96 -0.60
CA ILE A 203 3.20 -6.79 -0.90
C ILE A 203 2.91 -8.19 -0.37
N SER A 204 3.08 -9.24 -1.22
CA SER A 204 2.71 -10.59 -0.82
C SER A 204 3.88 -11.55 -0.85
N TRP A 205 4.45 -11.85 -2.01
CA TRP A 205 5.51 -12.86 -2.04
C TRP A 205 6.29 -12.78 -3.31
N GLY A 206 7.30 -13.65 -3.40
CA GLY A 206 8.08 -13.87 -4.59
C GLY A 206 8.91 -15.10 -4.35
N GLU A 207 9.58 -15.60 -5.38
CA GLU A 207 10.40 -16.82 -5.25
C GLU A 207 11.83 -16.63 -4.83
N GLU A 208 12.48 -15.58 -5.36
CA GLU A 208 13.87 -15.28 -5.05
C GLU A 208 14.03 -13.79 -5.28
N CYS A 209 14.26 -13.03 -4.23
CA CYS A 209 14.21 -11.58 -4.35
C CYS A 209 15.15 -11.05 -5.36
N ALA A 210 14.62 -10.27 -6.31
CA ALA A 210 15.43 -9.54 -7.29
C ALA A 210 16.18 -10.44 -8.27
N MET A 211 15.83 -11.71 -8.34
CA MET A 211 16.48 -12.60 -9.29
C MET A 211 15.97 -12.30 -10.70
N LYS A 212 16.89 -12.15 -11.67
CA LYS A 212 16.48 -11.90 -13.05
C LYS A 212 15.57 -13.06 -13.53
N GLY A 213 14.42 -12.69 -14.07
CA GLY A 213 13.42 -13.62 -14.56
C GLY A 213 12.31 -13.90 -13.57
N LYS A 214 12.40 -13.38 -12.34
CA LYS A 214 11.39 -13.53 -11.31
C LYS A 214 10.88 -12.14 -10.96
N TYR A 215 9.66 -12.05 -10.45
CA TYR A 215 9.04 -10.78 -10.11
C TYR A 215 8.43 -10.85 -8.76
N GLY A 216 8.11 -9.69 -8.24
CA GLY A 216 7.39 -9.62 -6.99
C GLY A 216 5.91 -9.80 -7.28
N ILE A 217 5.21 -10.51 -6.39
CA ILE A 217 3.79 -10.80 -6.51
C ILE A 217 3.04 -10.05 -5.42
N TYR A 218 1.97 -9.34 -5.87
CA TYR A 218 1.24 -8.42 -5.03
C TYR A 218 -0.25 -8.73 -5.07
N THR A 219 -0.93 -8.45 -3.97
CA THR A 219 -2.38 -8.60 -3.89
C THR A 219 -3.01 -7.34 -4.49
N LYS A 220 -3.96 -7.50 -5.44
CA LYS A 220 -4.67 -6.35 -6.02
C LYS A 220 -5.62 -5.82 -4.97
N VAL A 221 -5.42 -4.61 -4.50
CA VAL A 221 -6.30 -4.00 -3.51
C VAL A 221 -7.67 -3.69 -4.06
N SER A 222 -7.83 -3.47 -5.39
CA SER A 222 -9.14 -3.14 -5.91
C SER A 222 -10.19 -4.16 -5.56
N ARG A 223 -9.81 -5.43 -5.54
CA ARG A 223 -10.71 -6.55 -5.24
C ARG A 223 -11.25 -6.52 -3.81
N TYR A 224 -10.61 -5.77 -2.90
CA TYR A 224 -10.94 -5.76 -1.48
C TYR A 224 -11.36 -4.42 -0.93
N VAL A 225 -11.43 -3.37 -1.77
CA VAL A 225 -11.76 -2.05 -1.25
C VAL A 225 -13.07 -1.98 -0.50
N ASN A 226 -14.12 -2.60 -1.02
CA ASN A 226 -15.43 -2.51 -0.37
C ASN A 226 -15.36 -3.12 1.02
N TRP A 227 -14.66 -4.24 1.13
CA TRP A 227 -14.47 -4.91 2.43
C TRP A 227 -13.62 -4.02 3.37
N ILE A 228 -12.52 -3.45 2.89
CA ILE A 228 -11.75 -2.56 3.74
C ILE A 228 -12.62 -1.42 4.25
N LYS A 229 -13.34 -0.74 3.32
CA LYS A 229 -14.14 0.44 3.70
C LYS A 229 -15.20 0.08 4.71
N GLU A 230 -15.87 -1.06 4.49
CA GLU A 230 -16.91 -1.50 5.42
C GLU A 230 -16.35 -1.80 6.81
N LYS A 231 -15.25 -2.57 6.85
CA LYS A 231 -14.71 -3.01 8.12
C LYS A 231 -14.03 -1.91 8.96
N THR A 232 -13.41 -0.92 8.32
CA THR A 232 -12.67 0.15 9.00
C THR A 232 -13.42 1.45 9.20
N LYS A 233 -14.70 1.54 8.78
CA LYS A 233 -15.51 2.76 8.95
C LYS A 233 -15.61 3.17 10.43
N LEU A 234 -15.29 4.44 10.76
CA LEU A 234 -15.31 4.95 12.12
C LEU A 234 -16.62 5.70 12.41
N ASP B 2 -14.79 17.84 -26.73
CA ASP B 2 -15.22 16.56 -26.15
C ASP B 2 -14.70 16.45 -24.72
N VAL B 3 -15.61 16.30 -23.74
CA VAL B 3 -15.26 16.26 -22.33
C VAL B 3 -15.94 15.07 -21.70
N THR B 4 -15.16 14.04 -21.39
CA THR B 4 -15.69 12.83 -20.79
C THR B 4 -14.68 12.30 -19.86
N CYS B 5 -15.10 11.41 -18.97
CA CYS B 5 -14.16 10.82 -18.06
C CYS B 5 -13.14 9.92 -18.71
N ASN B 6 -13.43 9.45 -19.93
CA ASN B 6 -12.47 8.60 -20.59
C ASN B 6 -11.34 9.40 -21.22
N ILE B 7 -11.48 10.72 -21.36
CA ILE B 7 -10.46 11.57 -21.97
C ILE B 7 -9.77 12.38 -20.89
N LYS B 8 -8.53 12.04 -20.59
CA LYS B 8 -7.76 12.74 -19.56
C LYS B 8 -8.51 12.82 -18.23
N ASN B 9 -9.27 11.77 -17.91
CA ASN B 9 -10.03 11.74 -16.65
C ASN B 9 -10.93 12.96 -16.50
N GLY B 10 -11.44 13.52 -17.59
CA GLY B 10 -12.27 14.72 -17.51
C GLY B 10 -11.52 15.94 -17.01
N ARG B 11 -10.20 15.87 -16.98
CA ARG B 11 -9.31 16.86 -16.38
C ARG B 11 -9.49 16.94 -14.87
N CYS B 12 -10.13 15.92 -14.29
CA CYS B 12 -10.28 15.84 -12.85
C CYS B 12 -8.96 15.36 -12.24
N GLU B 13 -8.55 15.99 -11.13
CA GLU B 13 -7.30 15.58 -10.49
C GLU B 13 -7.40 14.17 -9.91
N GLN B 14 -8.53 13.80 -9.30
CA GLN B 14 -8.69 12.49 -8.71
C GLN B 14 -9.78 11.73 -9.44
N PHE B 15 -11.07 11.97 -9.10
CA PHE B 15 -12.13 11.15 -9.67
C PHE B 15 -13.04 11.95 -10.59
N CYS B 16 -13.64 11.24 -11.55
CA CYS B 16 -14.51 11.83 -12.55
C CYS B 16 -15.78 11.03 -12.67
N LYS B 17 -16.91 11.73 -12.86
CA LYS B 17 -18.20 11.11 -13.15
C LYS B 17 -18.79 11.83 -14.34
N ASN B 18 -19.30 11.09 -15.31
CA ASN B 18 -19.92 11.75 -16.44
C ASN B 18 -21.24 12.37 -16.00
N SER B 19 -21.56 13.54 -16.51
N SER B 19 -21.48 13.60 -16.48
CA SER B 19 -22.80 14.19 -16.11
CA SER B 19 -22.67 14.39 -16.19
C SER B 19 -23.61 14.58 -17.34
C SER B 19 -23.40 14.83 -17.43
N ALA B 20 -24.49 15.57 -17.23
CA ALA B 20 -25.32 16.01 -18.34
C ALA B 20 -24.65 17.00 -19.27
N ASP B 21 -25.12 17.04 -20.53
CA ASP B 21 -24.67 17.99 -21.54
C ASP B 21 -23.16 18.04 -21.82
N ASN B 22 -22.50 16.88 -22.08
CA ASN B 22 -21.04 16.81 -22.40
C ASN B 22 -20.17 17.41 -21.28
N LYS B 23 -20.57 17.17 -20.04
CA LYS B 23 -19.86 17.71 -18.91
C LYS B 23 -19.50 16.57 -17.99
N VAL B 24 -18.60 16.86 -17.07
CA VAL B 24 -18.24 15.91 -16.04
C VAL B 24 -18.35 16.57 -14.70
N VAL B 25 -18.40 15.75 -13.66
CA VAL B 25 -18.36 16.18 -12.28
C VAL B 25 -17.15 15.54 -11.67
N CYS B 26 -16.21 16.35 -11.18
CA CYS B 26 -15.03 15.83 -10.52
C CYS B 26 -15.32 15.66 -9.04
N SER B 27 -14.51 14.82 -8.41
CA SER B 27 -14.58 14.59 -6.98
C SER B 27 -13.24 14.13 -6.45
N CYS B 28 -13.17 14.03 -5.13
CA CYS B 28 -11.93 13.75 -4.44
C CYS B 28 -12.18 12.73 -3.37
N THR B 29 -11.11 12.13 -2.86
CA THR B 29 -11.20 11.18 -1.77
C THR B 29 -11.51 11.88 -0.44
N GLU B 30 -11.79 11.11 0.60
CA GLU B 30 -12.06 11.64 1.94
C GLU B 30 -10.92 12.57 2.37
N GLY B 31 -11.28 13.68 2.98
CA GLY B 31 -10.31 14.65 3.49
C GLY B 31 -9.91 15.74 2.53
N TYR B 32 -10.43 15.71 1.31
CA TYR B 32 -10.17 16.71 0.30
C TYR B 32 -11.50 17.34 -0.12
N ARG B 33 -11.42 18.54 -0.66
CA ARG B 33 -12.55 19.29 -1.18
C ARG B 33 -12.25 19.59 -2.61
N LEU B 34 -13.28 19.56 -3.47
CA LEU B 34 -13.15 19.93 -4.84
C LEU B 34 -12.98 21.45 -4.84
N ALA B 35 -11.94 21.92 -5.49
CA ALA B 35 -11.58 23.33 -5.55
C ALA B 35 -12.50 24.13 -6.44
N GLU B 36 -12.38 25.46 -6.31
CA GLU B 36 -13.18 26.40 -7.07
C GLU B 36 -12.98 26.25 -8.59
N ASN B 37 -11.80 25.75 -9.06
CA ASN B 37 -11.60 25.50 -10.50
C ASN B 37 -12.37 24.26 -11.01
N GLN B 38 -13.05 23.53 -10.08
CA GLN B 38 -13.93 22.42 -10.36
C GLN B 38 -13.19 21.15 -10.76
N LYS B 39 -11.85 21.14 -10.69
CA LYS B 39 -11.07 19.99 -11.14
C LYS B 39 -10.12 19.49 -10.07
N SER B 40 -9.47 20.43 -9.37
CA SER B 40 -8.44 20.10 -8.40
C SER B 40 -9.00 19.69 -7.06
N CYS B 41 -8.13 19.05 -6.27
CA CYS B 41 -8.46 18.57 -4.93
C CYS B 41 -7.62 19.27 -3.89
N GLU B 42 -8.27 19.92 -2.92
CA GLU B 42 -7.54 20.67 -1.89
C GLU B 42 -7.77 20.03 -0.55
N PRO B 43 -6.77 20.00 0.35
CA PRO B 43 -7.02 19.47 1.68
C PRO B 43 -8.15 20.16 2.41
N ALA B 44 -8.93 19.37 3.12
CA ALA B 44 -10.05 19.87 3.92
C ALA B 44 -9.94 19.44 5.38
N VAL B 45 -8.81 18.77 5.75
CA VAL B 45 -8.54 18.34 7.10
C VAL B 45 -7.05 18.60 7.35
N PRO B 46 -6.59 18.59 8.63
CA PRO B 46 -5.18 18.89 8.89
C PRO B 46 -4.17 17.91 8.26
N PHE B 47 -4.49 16.61 8.24
CA PHE B 47 -3.54 15.60 7.73
C PHE B 47 -4.24 14.68 6.74
N PRO B 48 -4.52 15.19 5.54
CA PRO B 48 -5.23 14.37 4.56
C PRO B 48 -4.42 13.17 4.12
N CYS B 49 -5.13 12.14 3.73
CA CYS B 49 -4.47 10.92 3.30
C CYS B 49 -3.57 11.12 2.15
N GLY B 50 -2.55 10.24 2.08
CA GLY B 50 -1.73 10.10 0.89
C GLY B 50 -0.86 11.26 0.54
N ARG B 51 -0.70 12.22 1.45
CA ARG B 51 0.13 13.38 1.20
C ARG B 51 1.38 13.38 2.03
N VAL B 52 2.51 13.78 1.41
CA VAL B 52 3.74 13.99 2.11
C VAL B 52 3.73 15.44 2.53
N SER B 53 3.89 15.70 3.84
CA SER B 53 3.89 17.02 4.40
C SER B 53 5.18 17.39 5.09
N VAL B 54 6.01 16.42 5.49
CA VAL B 54 7.31 16.71 6.13
C VAL B 54 8.19 17.23 5.05
N SER B 55 8.98 18.27 5.33
CA SER B 55 9.92 18.78 4.36
C SER B 55 10.86 17.68 3.89
N GLN B 56 11.03 17.55 2.57
CA GLN B 56 11.91 16.57 1.97
C GLN B 56 13.18 17.27 1.49
#